data_3VZH
#
_entry.id   3VZH
#
_cell.length_a   123.323
_cell.length_b   43.781
_cell.length_c   37.006
_cell.angle_alpha   90.00
_cell.angle_beta   90.75
_cell.angle_gamma   90.00
#
_symmetry.space_group_name_H-M   'C 1 2 1'
#
loop_
_entity.id
_entity.type
_entity.pdbx_description
1 polymer 'Putative uncharacterized protein'
2 water water
#
_entity_poly.entity_id   1
_entity_poly.type   'polypeptide(L)'
_entity_poly.pdbx_seq_one_letter_code
;GHMYRSRDFYVRVSGQRALFTNPATKGGSERSSYSVPTRQALNGIVDAIYYKPTFTNIVTEVKVINQIQTELQGVRALLH
DYSADLSYVSYLSDVVYLIKFHFVWNEDRKDLNSDRLPAKHEAIMERSIRKGGRRDVFLGTRECLGLVDDISQEEYETTV
SYYNGVNIDLGIMFHSFAYPKDKKTPLKSYFTKTVMKNGVITFKAQSECDIVNTLSSYAFKAPEEIKSVNDECMEYDAME
KGEN
;
_entity_poly.pdbx_strand_id   A
#
# COMPACT_ATOMS: atom_id res chain seq x y z
N GLY A 1 -6.15 -18.70 -19.80
CA GLY A 1 -6.16 -17.54 -20.75
C GLY A 1 -5.28 -16.45 -20.15
N HIS A 2 -4.96 -15.40 -20.91
CA HIS A 2 -4.27 -14.25 -20.31
C HIS A 2 -5.17 -13.44 -19.49
N MET A 3 -4.73 -13.06 -18.31
CA MET A 3 -5.68 -12.31 -17.43
C MET A 3 -5.62 -10.79 -17.70
N TYR A 4 -6.77 -10.13 -17.62
CA TYR A 4 -6.81 -8.68 -17.78
C TYR A 4 -5.99 -8.04 -16.61
N ARG A 5 -5.18 -7.03 -16.93
CA ARG A 5 -4.73 -6.12 -15.85
C ARG A 5 -4.76 -4.73 -16.39
N SER A 6 -5.07 -3.80 -15.50
CA SER A 6 -5.10 -2.35 -15.85
C SER A 6 -3.73 -1.80 -16.15
N ARG A 7 -3.70 -0.57 -16.66
CA ARG A 7 -2.46 0.15 -16.60
C ARG A 7 -1.92 0.29 -15.15
N ASP A 8 -0.59 0.60 -15.07
CA ASP A 8 -0.05 1.08 -13.76
C ASP A 8 -0.63 2.43 -13.40
N PHE A 9 -0.98 2.59 -12.12
CA PHE A 9 -1.33 3.88 -11.56
C PHE A 9 -0.30 4.19 -10.50
N TYR A 10 -0.12 5.51 -10.28
CA TYR A 10 0.93 6.01 -9.35
C TYR A 10 0.33 7.09 -8.50
N VAL A 11 0.62 7.08 -7.18
CA VAL A 11 0.08 8.09 -6.30
C VAL A 11 1.12 8.46 -5.32
N ARG A 12 1.08 9.71 -4.89
CA ARG A 12 1.93 10.18 -3.79
C ARG A 12 1.05 10.25 -2.53
N VAL A 13 1.45 9.58 -1.45
CA VAL A 13 0.68 9.65 -0.24
C VAL A 13 1.60 10.20 0.83
N SER A 14 1.10 11.18 1.57
CA SER A 14 1.92 11.84 2.63
C SER A 14 1.15 12.03 3.92
N GLY A 15 1.87 12.23 5.05
CA GLY A 15 1.14 12.44 6.31
C GLY A 15 2.17 12.83 7.33
N GLN A 16 1.70 13.56 8.35
CA GLN A 16 2.55 13.91 9.47
C GLN A 16 2.93 12.71 10.36
N ARG A 17 1.99 11.75 10.50
CA ARG A 17 2.20 10.56 11.30
C ARG A 17 1.69 9.32 10.57
N ALA A 18 2.34 8.18 10.85
CA ALA A 18 1.93 6.88 10.32
C ALA A 18 2.18 5.85 11.42
N LEU A 19 1.37 4.81 11.41
CA LEU A 19 1.52 3.71 12.37
C LEU A 19 1.20 2.43 11.64
N PHE A 20 2.24 1.70 11.23
CA PHE A 20 2.03 0.42 10.49
C PHE A 20 2.26 -0.73 11.44
N THR A 21 1.23 -1.45 11.85
CA THR A 21 1.52 -2.45 12.88
C THR A 21 1.47 -3.89 12.30
N ASN A 22 1.72 -4.84 13.20
CA ASN A 22 1.64 -6.25 12.90
C ASN A 22 0.39 -6.76 13.60
N PRO A 23 -0.72 -7.01 12.86
CA PRO A 23 -1.89 -7.53 13.54
C PRO A 23 -1.68 -9.02 13.93
N ALA A 24 -1.28 -9.23 15.20
CA ALA A 24 -1.07 -10.56 15.81
C ALA A 24 -0.45 -10.38 17.19
N ARG A 31 2.13 -0.13 21.02
CA ARG A 31 2.21 -0.39 19.59
C ARG A 31 3.36 0.43 19.04
N SER A 32 4.25 -0.18 18.28
CA SER A 32 5.27 0.61 17.62
C SER A 32 5.08 0.41 16.13
N SER A 33 5.42 1.41 15.34
CA SER A 33 5.32 1.21 13.92
C SER A 33 6.50 0.37 13.36
N TYR A 34 6.26 -0.43 12.31
CA TYR A 34 7.32 -0.85 11.40
C TYR A 34 7.90 0.38 10.85
N SER A 35 9.10 0.25 10.29
CA SER A 35 9.76 1.41 9.76
C SER A 35 9.24 1.86 8.42
N VAL A 36 8.48 0.99 7.74
CA VAL A 36 7.95 1.34 6.42
C VAL A 36 6.54 0.71 6.35
N PRO A 37 5.74 1.08 5.32
CA PRO A 37 4.40 0.47 5.27
C PRO A 37 4.37 -1.05 5.02
N THR A 38 3.38 -1.75 5.56
CA THR A 38 3.14 -3.14 5.15
C THR A 38 2.31 -3.14 3.82
N ARG A 39 2.38 -4.24 3.05
CA ARG A 39 1.55 -4.36 1.86
C ARG A 39 0.08 -4.17 2.19
N GLN A 40 -0.30 -4.82 3.29
CA GLN A 40 -1.70 -4.63 3.82
C GLN A 40 -2.12 -3.15 4.00
N ALA A 41 -1.30 -2.30 4.61
CA ALA A 41 -1.68 -0.93 4.83
C ALA A 41 -1.76 -0.25 3.46
N LEU A 42 -0.86 -0.59 2.55
CA LEU A 42 -0.93 0.04 1.24
C LEU A 42 -2.16 -0.38 0.43
N ASN A 43 -2.53 -1.66 0.53
CA ASN A 43 -3.79 -2.19 -0.04
C ASN A 43 -4.97 -1.33 0.51
N GLY A 44 -5.02 -1.10 1.85
CA GLY A 44 -5.99 -0.21 2.45
C GLY A 44 -6.09 1.16 1.84
N ILE A 45 -4.94 1.80 1.60
CA ILE A 45 -4.90 3.13 1.04
C ILE A 45 -5.40 3.15 -0.41
N VAL A 46 -4.94 2.22 -1.22
CA VAL A 46 -5.45 2.19 -2.60
C VAL A 46 -6.93 1.85 -2.64
N ASP A 47 -7.41 0.92 -1.82
CA ASP A 47 -8.84 0.74 -1.84
C ASP A 47 -9.66 1.92 -1.32
N ALA A 48 -9.08 2.77 -0.45
CA ALA A 48 -9.79 3.97 -0.03
C ALA A 48 -9.83 4.95 -1.21
N ILE A 49 -8.87 4.87 -2.10
CA ILE A 49 -8.96 5.75 -3.28
C ILE A 49 -10.16 5.39 -4.16
N TYR A 50 -10.23 4.12 -4.55
CA TYR A 50 -11.37 3.61 -5.32
C TYR A 50 -11.45 2.09 -5.14
N TYR A 51 -12.63 1.65 -4.71
CA TYR A 51 -12.87 0.23 -4.42
C TYR A 51 -14.15 -0.20 -5.15
N LYS A 52 -14.10 -1.32 -5.87
CA LYS A 52 -15.33 -2.01 -6.33
C LYS A 52 -15.11 -3.48 -6.16
N PRO A 53 -16.16 -4.25 -5.83
CA PRO A 53 -16.01 -5.68 -5.70
C PRO A 53 -15.69 -6.31 -7.08
N THR A 54 -15.84 -5.52 -8.13
CA THR A 54 -15.60 -6.05 -9.51
C THR A 54 -14.12 -6.32 -9.75
N PHE A 55 -13.25 -5.50 -9.13
CA PHE A 55 -11.82 -5.70 -9.30
C PHE A 55 -11.07 -5.72 -7.95
N THR A 56 -9.82 -6.15 -8.05
CA THR A 56 -8.94 -6.22 -6.91
C THR A 56 -7.72 -5.33 -7.22
N ASN A 57 -7.45 -4.39 -6.32
CA ASN A 57 -6.22 -3.58 -6.47
C ASN A 57 -4.99 -4.41 -6.00
N ILE A 58 -3.93 -4.28 -6.79
CA ILE A 58 -2.68 -5.03 -6.59
C ILE A 58 -1.57 -4.03 -6.44
N VAL A 59 -1.07 -3.89 -5.22
CA VAL A 59 0.03 -2.92 -4.98
C VAL A 59 1.34 -3.63 -5.33
N THR A 60 2.12 -3.06 -6.24
CA THR A 60 3.31 -3.84 -6.68
C THR A 60 4.63 -3.27 -6.15
N GLU A 61 4.64 -1.98 -5.83
CA GLU A 61 5.89 -1.31 -5.49
C GLU A 61 5.61 -0.08 -4.64
N VAL A 62 6.47 0.21 -3.68
CA VAL A 62 6.41 1.53 -2.98
C VAL A 62 7.77 2.16 -2.86
N LYS A 63 7.83 3.50 -2.98
CA LYS A 63 9.08 4.23 -2.80
C LYS A 63 8.95 5.05 -1.52
N VAL A 64 9.85 4.79 -0.58
CA VAL A 64 9.95 5.54 0.69
C VAL A 64 10.83 6.76 0.43
N ILE A 65 10.20 7.95 0.34
CA ILE A 65 10.93 9.14 -0.13
C ILE A 65 11.65 9.81 0.97
N ASN A 66 11.09 9.76 2.19
CA ASN A 66 11.65 10.59 3.30
C ASN A 66 12.48 9.77 4.28
N GLN A 67 13.53 10.43 4.81
CA GLN A 67 14.20 9.97 6.04
C GLN A 67 13.18 9.32 7.03
N ILE A 68 13.54 8.17 7.56
CA ILE A 68 12.71 7.49 8.55
C ILE A 68 12.97 8.11 9.93
N GLN A 69 11.92 8.66 10.54
CA GLN A 69 12.02 9.39 11.82
C GLN A 69 10.83 8.91 12.62
N THR A 70 10.95 8.87 13.93
CA THR A 70 9.85 8.42 14.76
C THR A 70 9.59 9.44 15.86
N GLU A 71 8.38 9.31 16.45
CA GLU A 71 7.95 10.15 17.52
C GLU A 71 7.18 9.30 18.47
N LEU A 72 7.36 9.62 19.74
CA LEU A 72 6.82 8.81 20.81
C LEU A 72 5.62 9.49 21.36
N GLN A 73 4.58 8.73 21.70
CA GLN A 73 3.45 9.33 22.37
C GLN A 73 3.08 8.52 23.64
N GLY A 74 3.10 9.15 24.82
CA GLY A 74 2.77 8.44 26.06
C GLY A 74 1.26 8.61 26.26
N VAL A 75 0.57 7.53 26.65
CA VAL A 75 -0.89 7.57 26.85
C VAL A 75 -1.12 7.03 28.28
N ARG A 76 -1.87 7.75 29.10
CA ARG A 76 -2.16 7.25 30.46
C ARG A 76 -3.60 7.48 30.95
N SER A 87 1.51 1.87 27.52
CA SER A 87 1.26 3.28 27.54
C SER A 87 2.18 4.12 26.61
N TYR A 88 2.85 3.50 25.63
CA TYR A 88 3.60 4.28 24.64
C TYR A 88 3.17 3.82 23.27
N VAL A 89 3.15 4.73 22.30
CA VAL A 89 2.90 4.35 20.95
C VAL A 89 4.01 5.04 20.21
N SER A 90 4.74 4.32 19.35
CA SER A 90 5.83 4.96 18.55
C SER A 90 5.39 5.09 17.10
N TYR A 91 5.27 6.33 16.63
CA TYR A 91 4.86 6.62 15.24
C TYR A 91 6.00 6.96 14.30
N LEU A 92 5.85 6.67 13.01
CA LEU A 92 6.70 7.36 12.03
C LEU A 92 6.24 8.77 11.94
N SER A 93 7.16 9.65 11.54
CA SER A 93 6.85 11.03 11.41
C SER A 93 7.22 11.56 10.02
N ASP A 94 6.42 12.49 9.47
CA ASP A 94 6.75 13.19 8.21
C ASP A 94 7.09 12.24 7.03
N VAL A 95 6.11 11.43 6.62
CA VAL A 95 6.27 10.32 5.66
C VAL A 95 5.76 10.76 4.31
N VAL A 96 6.48 10.33 3.23
CA VAL A 96 6.02 10.46 1.83
C VAL A 96 6.25 9.10 1.17
N TYR A 97 5.24 8.54 0.51
CA TYR A 97 5.37 7.20 -0.12
C TYR A 97 4.77 7.33 -1.49
N LEU A 98 5.47 6.84 -2.52
CA LEU A 98 4.86 6.81 -3.81
C LEU A 98 4.48 5.34 -4.04
N ILE A 99 3.23 5.08 -4.46
CA ILE A 99 2.74 3.72 -4.58
C ILE A 99 2.52 3.50 -6.10
N LYS A 100 2.95 2.36 -6.58
CA LYS A 100 2.66 1.85 -7.94
C LYS A 100 1.68 0.69 -7.76
N PHE A 101 0.55 0.71 -8.49
CA PHE A 101 -0.41 -0.35 -8.31
C PHE A 101 -1.20 -0.53 -9.61
N HIS A 102 -1.98 -1.61 -9.70
CA HIS A 102 -2.87 -1.79 -10.87
C HIS A 102 -3.99 -2.58 -10.38
N PHE A 103 -4.94 -2.86 -11.24
CA PHE A 103 -6.00 -3.77 -10.80
C PHE A 103 -6.25 -4.88 -11.80
N VAL A 104 -6.85 -5.95 -11.30
CA VAL A 104 -7.25 -7.12 -12.13
C VAL A 104 -8.71 -7.48 -11.76
N TRP A 105 -9.40 -8.30 -12.56
CA TRP A 105 -10.81 -8.61 -12.17
C TRP A 105 -10.75 -9.51 -10.99
N ASN A 106 -11.78 -9.36 -10.13
CA ASN A 106 -11.89 -10.14 -8.93
C ASN A 106 -12.57 -11.49 -9.26
N GLU A 107 -11.80 -12.60 -9.27
CA GLU A 107 -12.34 -13.90 -9.67
C GLU A 107 -13.14 -14.53 -8.54
N ASP A 108 -13.16 -13.86 -7.40
CA ASP A 108 -14.10 -14.26 -6.35
C ASP A 108 -15.48 -13.66 -6.58
N ARG A 109 -15.60 -12.79 -7.57
CA ARG A 109 -16.92 -12.18 -7.89
C ARG A 109 -17.23 -12.28 -9.36
N LYS A 110 -17.45 -13.53 -9.74
CA LYS A 110 -17.91 -13.94 -11.07
C LYS A 110 -19.28 -13.34 -11.44
N ASP A 111 -20.11 -13.10 -10.44
CA ASP A 111 -21.42 -12.52 -10.70
C ASP A 111 -21.34 -11.10 -11.27
N LEU A 112 -20.17 -10.44 -11.15
CA LEU A 112 -20.03 -9.09 -11.62
C LEU A 112 -19.38 -9.02 -12.97
N ASN A 113 -19.54 -10.06 -13.75
CA ASN A 113 -18.93 -10.06 -15.07
C ASN A 113 -19.36 -8.88 -15.96
N SER A 114 -20.62 -8.45 -15.90
CA SER A 114 -21.10 -7.34 -16.80
C SER A 114 -20.50 -5.97 -16.49
N ASP A 115 -19.91 -5.88 -15.28
CA ASP A 115 -19.24 -4.65 -14.82
C ASP A 115 -17.73 -4.67 -15.11
N ARG A 116 -17.26 -5.75 -15.75
CA ARG A 116 -15.80 -5.81 -16.08
C ARG A 116 -15.47 -4.93 -17.28
N LEU A 117 -15.48 -3.63 -17.05
CA LEU A 117 -15.37 -2.63 -18.11
C LEU A 117 -14.12 -1.83 -17.88
N PRO A 118 -13.05 -2.17 -18.61
CA PRO A 118 -11.77 -1.58 -18.29
C PRO A 118 -11.75 -0.05 -18.47
N ALA A 119 -12.38 0.50 -19.53
CA ALA A 119 -12.30 1.96 -19.73
C ALA A 119 -13.03 2.68 -18.61
N LYS A 120 -14.15 2.11 -18.18
CA LYS A 120 -14.94 2.69 -17.10
C LYS A 120 -14.08 2.77 -15.81
N HIS A 121 -13.54 1.62 -15.42
CA HIS A 121 -12.82 1.58 -14.12
C HIS A 121 -11.51 2.28 -14.14
N GLU A 122 -10.80 2.23 -15.25
CA GLU A 122 -9.58 3.06 -15.40
C GLU A 122 -9.84 4.56 -15.32
N ALA A 123 -10.94 5.03 -15.91
CA ALA A 123 -11.29 6.46 -15.85
C ALA A 123 -11.64 6.95 -14.47
N ILE A 124 -12.45 6.14 -13.79
CA ILE A 124 -12.81 6.43 -12.44
C ILE A 124 -11.63 6.40 -11.51
N MET A 125 -10.74 5.42 -11.71
CA MET A 125 -9.55 5.35 -10.89
C MET A 125 -8.71 6.65 -11.09
N GLU A 126 -8.45 7.04 -12.33
CA GLU A 126 -7.73 8.29 -12.53
C GLU A 126 -8.38 9.52 -11.88
N ARG A 127 -9.68 9.71 -12.04
CA ARG A 127 -10.45 10.81 -11.39
C ARG A 127 -10.41 10.73 -9.87
N SER A 128 -10.51 9.51 -9.35
CA SER A 128 -10.45 9.29 -7.87
C SER A 128 -9.11 9.68 -7.30
N ILE A 129 -8.02 9.32 -8.00
CA ILE A 129 -6.70 9.69 -7.58
C ILE A 129 -6.56 11.22 -7.56
N ARG A 130 -6.99 11.84 -8.66
CA ARG A 130 -6.84 13.27 -8.82
C ARG A 130 -7.54 14.07 -7.72
N LYS A 131 -8.65 13.58 -7.19
CA LYS A 131 -9.38 14.36 -6.18
C LYS A 131 -9.09 13.83 -4.74
N GLY A 132 -8.02 13.01 -4.62
CA GLY A 132 -7.50 12.68 -3.36
C GLY A 132 -8.22 11.47 -2.73
N GLY A 133 -8.87 10.69 -3.58
CA GLY A 133 -9.55 9.46 -3.10
C GLY A 133 -11.02 9.67 -2.78
N ARG A 134 -11.80 8.64 -3.12
CA ARG A 134 -13.24 8.67 -2.82
C ARG A 134 -13.51 8.54 -1.35
N ARG A 135 -12.67 7.86 -0.58
CA ARG A 135 -12.86 7.80 0.87
C ARG A 135 -11.67 8.40 1.58
N ASP A 136 -11.79 8.55 2.89
CA ASP A 136 -10.69 9.02 3.77
C ASP A 136 -9.50 8.05 3.72
N VAL A 137 -8.34 8.63 3.62
CA VAL A 137 -7.14 7.86 3.57
C VAL A 137 -6.38 7.98 4.91
N PHE A 138 -6.01 6.83 5.46
CA PHE A 138 -5.40 6.66 6.82
C PHE A 138 -4.09 5.96 6.65
N LEU A 139 -3.08 6.36 7.44
CA LEU A 139 -1.74 5.75 7.32
C LEU A 139 -1.52 4.73 8.44
N GLY A 140 -2.15 3.57 8.27
CA GLY A 140 -1.94 2.42 9.10
C GLY A 140 -2.94 2.42 10.25
N THR A 141 -3.35 3.59 10.69
CA THR A 141 -4.35 3.72 11.75
C THR A 141 -5.25 4.97 11.64
N ARG A 142 -6.46 4.95 12.25
CA ARG A 142 -7.44 6.06 12.07
C ARG A 142 -7.04 7.46 12.53
N GLU A 143 -6.09 7.57 13.45
CA GLU A 143 -5.71 8.92 13.90
C GLU A 143 -4.66 9.55 13.00
N CYS A 144 -4.28 8.86 11.92
CA CYS A 144 -3.19 9.28 11.13
C CYS A 144 -3.75 9.56 9.75
N LEU A 145 -4.17 10.81 9.51
CA LEU A 145 -4.76 11.19 8.22
C LEU A 145 -3.67 11.29 7.18
N GLY A 146 -3.91 10.72 6.00
CA GLY A 146 -2.98 10.81 4.87
C GLY A 146 -3.58 11.71 3.81
N LEU A 147 -2.73 12.13 2.91
CA LEU A 147 -3.12 12.97 1.79
C LEU A 147 -2.69 12.24 0.54
N VAL A 148 -3.62 12.04 -0.40
CA VAL A 148 -3.30 11.34 -1.67
C VAL A 148 -3.25 12.41 -2.77
N ASP A 149 -2.18 12.42 -3.53
CA ASP A 149 -2.15 13.26 -4.74
C ASP A 149 -1.70 12.48 -5.98
N ASP A 150 -2.14 12.99 -7.12
CA ASP A 150 -1.85 12.44 -8.43
C ASP A 150 -0.39 12.65 -8.83
N ILE A 151 0.30 11.56 -9.20
CA ILE A 151 1.62 11.78 -9.88
C ILE A 151 1.62 10.91 -11.14
N SER A 152 2.48 11.21 -12.09
CA SER A 152 2.52 10.46 -13.36
C SER A 152 3.66 9.42 -13.20
N GLN A 153 3.77 8.53 -14.20
CA GLN A 153 4.78 7.50 -14.23
C GLN A 153 6.10 8.15 -14.18
N GLU A 154 6.23 9.23 -14.96
CA GLU A 154 7.50 9.96 -14.98
C GLU A 154 7.94 10.46 -13.59
N GLU A 155 7.02 11.05 -12.86
CA GLU A 155 7.36 11.54 -11.54
C GLU A 155 7.73 10.40 -10.60
N TYR A 156 6.93 9.32 -10.62
CA TYR A 156 7.27 8.11 -9.91
C TYR A 156 8.74 7.61 -10.08
N GLU A 157 9.13 7.45 -11.34
CA GLU A 157 10.42 6.92 -11.69
C GLU A 157 11.54 7.91 -11.39
N THR A 158 11.29 9.21 -11.51
CA THR A 158 12.39 10.12 -11.36
C THR A 158 12.53 10.75 -9.99
N THR A 159 11.58 10.50 -9.07
CA THR A 159 11.68 11.20 -7.79
C THR A 159 12.74 10.50 -6.96
N VAL A 160 13.68 11.27 -6.37
CA VAL A 160 14.81 10.65 -5.68
C VAL A 160 14.42 10.35 -4.22
N SER A 161 14.64 9.10 -3.80
CA SER A 161 14.42 8.72 -2.36
C SER A 161 15.61 9.26 -1.50
N TYR A 162 15.28 9.67 -0.28
CA TYR A 162 16.29 9.95 0.78
C TYR A 162 17.29 8.75 0.84
N TYR A 163 16.78 7.52 0.63
CA TYR A 163 17.59 6.26 0.74
C TYR A 163 18.24 5.77 -0.58
N ASN A 164 18.20 6.63 -1.59
CA ASN A 164 18.88 6.23 -2.79
C ASN A 164 20.36 5.90 -2.51
N GLY A 165 20.86 4.85 -3.12
CA GLY A 165 22.31 4.51 -2.93
C GLY A 165 22.60 3.48 -1.83
N VAL A 166 21.62 3.12 -1.00
CA VAL A 166 21.84 2.12 0.01
C VAL A 166 20.68 1.17 0.01
N ASN A 167 20.94 -0.05 0.45
CA ASN A 167 19.86 -1.01 0.77
C ASN A 167 19.78 -1.32 2.26
N ILE A 168 18.58 -1.58 2.70
CA ILE A 168 18.36 -2.10 4.06
C ILE A 168 17.35 -3.21 4.14
N ASP A 169 17.78 -4.33 4.74
CA ASP A 169 16.90 -5.44 5.05
C ASP A 169 16.18 -5.12 6.33
N LEU A 170 14.86 -4.95 6.23
CA LEU A 170 14.02 -4.66 7.36
C LEU A 170 13.60 -5.95 8.07
N GLY A 171 14.04 -7.14 7.61
CA GLY A 171 13.71 -8.40 8.37
C GLY A 171 12.32 -8.83 8.04
N ILE A 172 11.74 -9.68 8.88
CA ILE A 172 10.46 -10.23 8.54
C ILE A 172 9.34 -9.26 8.88
N MET A 173 8.47 -8.96 7.94
CA MET A 173 7.34 -8.01 8.15
C MET A 173 6.06 -8.72 7.82
N PHE A 174 5.02 -8.43 8.57
CA PHE A 174 3.65 -8.74 8.12
C PHE A 174 3.46 -8.28 6.67
N HIS A 175 2.89 -9.17 5.83
CA HIS A 175 2.61 -8.87 4.43
C HIS A 175 1.12 -8.62 4.31
N SER A 176 0.30 -9.64 4.55
CA SER A 176 -1.15 -9.49 4.45
C SER A 176 -1.86 -10.71 4.97
N PHE A 177 -3.17 -10.58 5.19
CA PHE A 177 -4.02 -11.72 5.42
C PHE A 177 -4.64 -12.30 4.15
N ALA A 178 -4.97 -13.60 4.22
CA ALA A 178 -5.88 -14.31 3.30
C ALA A 178 -7.23 -14.59 4.02
N TYR A 179 -8.33 -14.30 3.31
CA TYR A 179 -9.71 -14.51 3.81
C TYR A 179 -10.41 -15.64 3.06
N PRO A 180 -11.42 -16.25 3.71
CA PRO A 180 -12.46 -16.92 2.92
C PRO A 180 -13.33 -15.85 2.21
N THR A 185 -13.31 -13.64 9.00
CA THR A 185 -12.04 -13.45 9.73
C THR A 185 -10.88 -14.19 8.97
N PRO A 186 -9.60 -13.71 9.11
CA PRO A 186 -8.51 -14.29 8.29
C PRO A 186 -8.34 -15.81 8.45
N LEU A 187 -8.03 -16.46 7.34
CA LEU A 187 -7.70 -17.89 7.34
C LEU A 187 -6.15 -18.07 7.53
N LYS A 188 -5.38 -17.14 6.94
CA LYS A 188 -3.92 -17.19 6.94
C LYS A 188 -3.36 -15.80 7.14
N SER A 189 -2.16 -15.74 7.74
CA SER A 189 -1.33 -14.53 7.69
C SER A 189 -0.01 -14.85 7.00
N TYR A 190 0.48 -13.86 6.27
CA TYR A 190 1.67 -14.02 5.48
C TYR A 190 2.68 -13.01 5.97
N PHE A 191 3.92 -13.50 6.14
CA PHE A 191 5.07 -12.66 6.57
C PHE A 191 6.19 -12.91 5.60
N THR A 192 7.06 -11.91 5.40
CA THR A 192 8.18 -12.13 4.52
C THR A 192 9.28 -11.12 4.76
N LYS A 193 10.51 -11.52 4.41
CA LYS A 193 11.74 -10.70 4.44
C LYS A 193 11.51 -9.57 3.49
N THR A 194 11.69 -8.35 4.00
CA THR A 194 11.31 -7.16 3.25
C THR A 194 12.59 -6.30 3.10
N VAL A 195 13.08 -6.05 1.90
CA VAL A 195 14.32 -5.31 1.70
C VAL A 195 13.99 -4.06 0.94
N MET A 196 14.42 -2.92 1.47
CA MET A 196 14.26 -1.62 0.82
C MET A 196 15.53 -1.27 0.05
N LYS A 197 15.45 -1.15 -1.29
CA LYS A 197 16.65 -0.99 -2.13
C LYS A 197 16.55 0.37 -2.76
N ASN A 198 17.45 1.30 -2.43
CA ASN A 198 17.38 2.65 -2.87
C ASN A 198 16.08 3.32 -2.50
N GLY A 199 15.52 2.90 -1.39
CA GLY A 199 14.19 3.37 -0.97
C GLY A 199 12.98 2.65 -1.55
N VAL A 200 13.21 1.64 -2.40
CA VAL A 200 12.17 0.98 -3.19
C VAL A 200 11.86 -0.37 -2.55
N ILE A 201 10.59 -0.65 -2.30
CA ILE A 201 10.21 -1.98 -1.81
C ILE A 201 9.30 -2.58 -2.88
N THR A 202 9.75 -3.70 -3.48
CA THR A 202 9.00 -4.35 -4.60
C THR A 202 8.35 -5.57 -4.00
N PHE A 203 7.05 -5.55 -3.98
CA PHE A 203 6.39 -6.58 -3.24
C PHE A 203 6.35 -7.97 -3.88
N LYS A 204 6.40 -8.99 -3.00
CA LYS A 204 6.13 -10.37 -3.41
C LYS A 204 4.62 -10.59 -3.38
N ALA A 205 4.15 -11.56 -4.14
CA ALA A 205 2.77 -11.95 -4.04
C ALA A 205 2.60 -12.75 -2.74
N GLN A 206 1.38 -12.79 -2.21
CA GLN A 206 1.19 -13.49 -0.97
C GLN A 206 1.82 -14.87 -1.02
N SER A 207 1.56 -15.60 -2.11
CA SER A 207 1.89 -17.03 -2.12
C SER A 207 3.41 -17.22 -2.21
N GLU A 208 4.15 -16.12 -2.50
CA GLU A 208 5.61 -16.19 -2.57
C GLU A 208 6.30 -15.81 -1.22
N CYS A 209 5.48 -15.57 -0.19
CA CYS A 209 6.03 -15.12 1.11
C CYS A 209 6.82 -16.25 1.82
N ASP A 210 7.74 -15.84 2.72
CA ASP A 210 8.60 -16.73 3.43
C ASP A 210 7.84 -17.58 4.43
N ILE A 211 6.75 -17.05 4.96
CA ILE A 211 6.12 -17.64 6.16
C ILE A 211 4.65 -17.48 5.98
N VAL A 212 3.92 -18.60 6.15
CA VAL A 212 2.45 -18.60 6.16
C VAL A 212 1.99 -19.25 7.46
N ASN A 213 1.15 -18.56 8.22
CA ASN A 213 0.46 -19.20 9.36
C ASN A 213 -1.00 -19.46 9.04
N THR A 214 -1.48 -20.66 9.37
CA THR A 214 -2.93 -20.89 9.40
C THR A 214 -3.52 -20.65 10.78
#